data_5FRZ
#
_entry.id   5FRZ
#
_cell.length_a   45.851
_cell.length_b   70.583
_cell.length_c   104.956
_cell.angle_alpha   90.00
_cell.angle_beta   90.00
_cell.angle_gamma   90.00
#
_symmetry.space_group_name_H-M   'P 21 21 21'
#
loop_
_entity.id
_entity.type
_entity.pdbx_description
1 polymer 'Positive phenol-degradative gene regulator'
2 non-polymer 'ZINC ION'
3 non-polymer 3,4-DIMETHYLPHENOL
4 water water
#
_entity_poly.entity_id   1
_entity_poly.type   'polypeptide(L)'
_entity_poly.pdbx_seq_one_letter_code
;MSSSTDNFSATMRDGLSNLARRLRFAMKEGSIWLGEQRMILLHTAALGALRKELVDTLGMERARGLFMRMGFHSGVRDAE
LAKTMRSGHSDFGMLEMGPCLHTIEGVVRVTPLTVDINIAAGVYHGEFLWEDSFEGDVHRQMFGVAQAPVCWMQIGYATG
YTSALMGKTILYRELECVGCGHPHCRILGKPLEQWEDGEAELALYQPDPVI
;
_entity_poly.pdbx_strand_id   A,B
#
# COMPACT_ATOMS: atom_id res chain seq x y z
N ASP A 14 -21.52 3.15 -13.02
CA ASP A 14 -20.67 4.27 -13.45
C ASP A 14 -19.54 3.71 -14.32
N GLY A 15 -18.76 4.59 -14.96
CA GLY A 15 -17.54 4.24 -15.69
C GLY A 15 -16.48 3.52 -14.85
N LEU A 16 -16.83 3.28 -13.59
CA LEU A 16 -16.13 2.28 -12.80
C LEU A 16 -16.10 0.98 -13.59
N SER A 17 -17.15 0.76 -14.37
CA SER A 17 -17.28 -0.42 -15.22
C SER A 17 -16.22 -0.43 -16.31
N ASN A 18 -16.02 0.72 -16.94
CA ASN A 18 -15.07 0.87 -18.02
C ASN A 18 -13.62 0.58 -17.56
N LEU A 19 -13.28 1.04 -16.36
CA LEU A 19 -11.93 0.89 -15.85
C LEU A 19 -11.72 -0.44 -15.16
N ALA A 20 -12.81 -1.09 -14.74
CA ALA A 20 -12.72 -2.36 -14.00
C ALA A 20 -11.97 -3.41 -14.82
N ARG A 21 -12.08 -3.28 -16.13
CA ARG A 21 -11.51 -4.26 -17.06
C ARG A 21 -9.99 -4.07 -17.17
N ARG A 22 -9.50 -2.93 -16.69
CA ARG A 22 -8.06 -2.68 -16.70
C ARG A 22 -7.40 -3.24 -15.44
N LEU A 23 -8.20 -3.70 -14.48
CA LEU A 23 -7.69 -4.31 -13.25
C LEU A 23 -7.71 -5.84 -13.35
N ARG A 24 -6.54 -6.45 -13.36
CA ARG A 24 -6.49 -7.90 -13.54
C ARG A 24 -5.69 -8.59 -12.43
N PHE A 25 -6.38 -9.48 -11.72
CA PHE A 25 -5.81 -10.31 -10.68
C PHE A 25 -5.30 -11.63 -11.26
N ALA A 26 -4.03 -11.95 -11.00
CA ALA A 26 -3.47 -13.23 -11.41
C ALA A 26 -2.87 -13.88 -10.18
N MET A 27 -3.73 -14.50 -9.38
CA MET A 27 -3.31 -15.17 -8.15
C MET A 27 -2.35 -16.31 -8.44
N LYS A 28 -2.63 -17.06 -9.49
CA LYS A 28 -1.78 -18.19 -9.88
C LYS A 28 -0.36 -17.71 -10.19
N GLU A 29 -0.14 -16.41 -10.03
CA GLU A 29 1.17 -15.83 -10.29
C GLU A 29 1.59 -14.88 -9.17
N GLY A 30 0.62 -14.48 -8.34
CA GLY A 30 0.91 -13.57 -7.23
C GLY A 30 1.08 -12.11 -7.62
N SER A 31 0.30 -11.65 -8.59
CA SER A 31 0.47 -10.29 -9.07
C SER A 31 -0.88 -9.67 -9.39
N ILE A 32 -0.90 -8.35 -9.32
CA ILE A 32 -2.09 -7.57 -9.61
C ILE A 32 -1.61 -6.43 -10.48
N TRP A 33 -2.28 -6.19 -11.58
CA TRP A 33 -1.91 -5.10 -12.48
C TRP A 33 -3.13 -4.20 -12.68
N LEU A 34 -2.92 -2.90 -12.62
CA LEU A 34 -3.96 -1.94 -12.97
C LEU A 34 -3.41 -1.15 -14.16
N GLY A 35 -4.02 -1.36 -15.33
CA GLY A 35 -3.40 -0.91 -16.57
C GLY A 35 -2.02 -1.56 -16.65
N GLU A 36 -1.00 -0.72 -16.79
CA GLU A 36 0.39 -1.17 -16.96
C GLU A 36 1.22 -0.90 -15.69
N GLN A 37 0.55 -0.79 -14.55
CA GLN A 37 1.20 -0.65 -13.27
C GLN A 37 0.87 -1.85 -12.37
N ARG A 38 1.91 -2.45 -11.81
CA ARG A 38 1.74 -3.52 -10.83
C ARG A 38 1.29 -2.90 -9.50
N MET A 39 0.38 -3.59 -8.82
CA MET A 39 -0.21 -3.10 -7.57
C MET A 39 -0.04 -4.12 -6.44
N ILE A 40 -0.13 -3.66 -5.20
CA ILE A 40 -0.38 -4.59 -4.10
C ILE A 40 -1.62 -4.17 -3.31
N LEU A 41 -2.23 -5.16 -2.67
CA LEU A 41 -3.24 -4.89 -1.65
C LEU A 41 -2.51 -4.71 -0.35
N LEU A 42 -2.71 -3.55 0.27
CA LEU A 42 -2.03 -3.26 1.52
C LEU A 42 -3.02 -2.94 2.63
N HIS A 43 -2.84 -3.56 3.79
CA HIS A 43 -3.69 -3.27 4.96
C HIS A 43 -3.57 -1.80 5.38
N THR A 44 -4.70 -1.10 5.48
CA THR A 44 -4.62 0.30 5.89
C THR A 44 -4.01 0.42 7.29
N ALA A 45 -4.10 -0.65 8.07
CA ALA A 45 -3.53 -0.65 9.42
C ALA A 45 -2.02 -0.71 9.33
N ALA A 46 -1.50 -1.43 8.34
CA ALA A 46 -0.07 -1.45 8.07
C ALA A 46 0.45 -0.07 7.67
N LEU A 47 -0.30 0.61 6.80
CA LEU A 47 0.07 1.99 6.42
C LEU A 47 -0.01 2.90 7.63
N GLY A 48 -1.02 2.68 8.46
CA GLY A 48 -1.20 3.45 9.68
C GLY A 48 0.00 3.39 10.60
N ALA A 49 0.50 2.19 10.83
CA ALA A 49 1.69 1.99 11.66
C ALA A 49 2.91 2.72 11.09
N LEU A 50 3.15 2.56 9.79
CA LEU A 50 4.22 3.30 9.14
C LEU A 50 4.01 4.80 9.33
N ARG A 51 2.77 5.27 9.12
CA ARG A 51 2.49 6.70 9.26
C ARG A 51 2.84 7.20 10.65
N LYS A 52 2.52 6.39 11.66
CA LYS A 52 2.81 6.73 13.05
C LYS A 52 4.30 6.85 13.32
N GLU A 53 5.07 5.90 12.81
CA GLU A 53 6.52 5.94 12.98
C GLU A 53 7.17 7.13 12.27
N LEU A 54 6.60 7.55 11.14
CA LEU A 54 7.17 8.65 10.37
C LEU A 54 6.91 9.98 11.07
N VAL A 55 5.73 10.13 11.67
CA VAL A 55 5.41 11.34 12.41
C VAL A 55 6.29 11.43 13.65
N ASP A 56 6.26 10.39 14.49
CA ASP A 56 7.09 10.33 15.70
C ASP A 56 8.58 10.55 15.41
N THR A 57 9.05 10.15 14.24
CA THR A 57 10.47 10.24 13.95
C THR A 57 10.84 11.52 13.19
N LEU A 58 9.98 11.94 12.27
CA LEU A 58 10.34 13.05 11.38
C LEU A 58 9.44 14.26 11.60
N GLY A 59 8.40 14.10 12.38
CA GLY A 59 7.42 15.16 12.60
C GLY A 59 6.20 15.03 11.70
N MET A 60 5.14 15.72 12.08
CA MET A 60 3.92 15.77 11.28
C MET A 60 4.20 16.21 9.84
N GLU A 61 4.98 17.29 9.67
CA GLU A 61 5.11 17.93 8.35
C GLU A 61 6.06 17.23 7.39
N ARG A 62 7.15 16.68 7.91
CA ARG A 62 8.00 15.84 7.08
C ARG A 62 7.19 14.65 6.54
N ALA A 63 6.44 13.99 7.42
CA ALA A 63 5.65 12.81 7.07
C ALA A 63 4.55 13.14 6.06
N ARG A 64 3.80 14.20 6.34
CA ARG A 64 2.73 14.68 5.47
C ARG A 64 3.27 14.83 4.05
N GLY A 65 4.48 15.36 3.93
CA GLY A 65 5.14 15.54 2.66
C GLY A 65 5.38 14.22 1.94
N LEU A 66 5.91 13.25 2.67
CA LEU A 66 6.20 11.91 2.13
C LEU A 66 4.93 11.22 1.62
N PHE A 67 3.82 11.42 2.32
CA PHE A 67 2.58 10.78 1.91
C PHE A 67 1.98 11.54 0.71
N MET A 68 2.05 12.85 0.72
CA MET A 68 1.52 13.63 -0.39
C MET A 68 2.25 13.21 -1.64
N ARG A 69 3.57 13.03 -1.54
CA ARG A 69 4.37 12.68 -2.71
C ARG A 69 4.10 11.26 -3.19
N MET A 70 3.84 10.34 -2.26
CA MET A 70 3.47 8.98 -2.65
C MET A 70 2.14 9.02 -3.40
N GLY A 71 1.18 9.77 -2.85
CA GLY A 71 -0.12 9.91 -3.50
C GLY A 71 0.02 10.54 -4.88
N PHE A 72 0.90 11.54 -4.97
CA PHE A 72 1.20 12.21 -6.23
C PHE A 72 1.66 11.19 -7.29
N HIS A 73 2.60 10.31 -6.93
CA HIS A 73 3.07 9.31 -7.90
C HIS A 73 1.95 8.40 -8.40
N SER A 74 1.11 7.92 -7.48
CA SER A 74 -0.07 7.12 -7.84
C SER A 74 -0.96 7.84 -8.85
N GLY A 75 -1.27 9.10 -8.56
CA GLY A 75 -2.11 9.92 -9.42
C GLY A 75 -1.57 10.10 -10.83
N VAL A 76 -0.27 10.40 -10.93
CA VAL A 76 0.40 10.57 -12.23
C VAL A 76 0.28 9.25 -13.00
N ARG A 77 0.57 8.12 -12.36
CA ARG A 77 0.46 6.84 -13.08
C ARG A 77 -0.95 6.55 -13.59
N ASP A 78 -1.97 6.80 -12.78
CA ASP A 78 -3.35 6.55 -13.19
C ASP A 78 -3.86 7.47 -14.32
N ALA A 79 -3.41 8.72 -14.34
CA ALA A 79 -3.70 9.64 -15.44
C ALA A 79 -3.08 9.16 -16.77
N GLU A 80 -1.98 8.42 -16.67
CA GLU A 80 -1.39 7.75 -17.82
C GLU A 80 -2.34 6.67 -18.30
N LEU A 81 -2.87 5.87 -17.38
CA LEU A 81 -3.88 4.87 -17.74
C LEU A 81 -5.09 5.58 -18.40
N ALA A 82 -5.62 6.61 -17.75
CA ALA A 82 -6.78 7.33 -18.28
C ALA A 82 -6.55 7.81 -19.71
N LYS A 83 -5.35 8.31 -19.98
CA LYS A 83 -5.02 8.80 -21.32
C LYS A 83 -5.10 7.71 -22.40
N THR A 84 -4.73 6.47 -22.09
CA THR A 84 -4.89 5.42 -23.09
C THR A 84 -6.36 5.12 -23.38
N MET A 85 -7.26 5.55 -22.49
CA MET A 85 -8.69 5.30 -22.70
C MET A 85 -9.42 6.55 -23.19
N ARG A 86 -8.68 7.50 -23.78
CA ARG A 86 -9.27 8.77 -24.19
C ARG A 86 -10.47 8.60 -25.11
N SER A 87 -10.37 7.64 -26.03
CA SER A 87 -11.47 7.25 -26.90
C SER A 87 -12.10 8.48 -27.59
N GLY A 88 -13.35 8.74 -27.26
CA GLY A 88 -14.05 9.93 -27.69
C GLY A 88 -14.71 10.56 -26.48
N HIS A 89 -13.97 10.57 -25.38
CA HIS A 89 -14.44 11.13 -24.12
C HIS A 89 -14.31 12.64 -24.05
N SER A 90 -15.22 13.26 -23.32
CA SER A 90 -15.10 14.66 -22.97
C SER A 90 -13.96 14.90 -21.97
N ASP A 91 -13.57 16.15 -21.78
CA ASP A 91 -12.56 16.48 -20.78
C ASP A 91 -13.03 16.07 -19.39
N PHE A 92 -14.33 16.24 -19.11
CA PHE A 92 -14.87 15.85 -17.81
C PHE A 92 -14.85 14.35 -17.65
N GLY A 93 -15.14 13.63 -18.73
CA GLY A 93 -15.13 12.18 -18.72
C GLY A 93 -13.73 11.64 -18.49
N MET A 94 -12.73 12.37 -19.02
CA MET A 94 -11.33 12.11 -18.73
C MET A 94 -11.04 12.34 -17.26
N LEU A 95 -11.38 13.54 -16.79
CA LEU A 95 -11.21 13.91 -15.40
C LEU A 95 -11.80 12.84 -14.47
N GLU A 96 -12.97 12.34 -14.87
CA GLU A 96 -13.79 11.49 -14.05
C GLU A 96 -13.14 10.12 -13.77
N MET A 97 -12.26 9.65 -14.64
CA MET A 97 -11.57 8.38 -14.40
C MET A 97 -10.68 8.44 -13.17
N GLY A 98 -10.26 9.64 -12.79
CA GLY A 98 -9.46 9.83 -11.59
C GLY A 98 -10.21 9.37 -10.37
N PRO A 99 -11.34 10.03 -10.06
CA PRO A 99 -12.21 9.59 -8.96
C PRO A 99 -12.62 8.12 -9.05
N CYS A 100 -12.86 7.64 -10.26
CA CYS A 100 -13.22 6.25 -10.45
C CYS A 100 -12.09 5.30 -10.01
N LEU A 101 -10.86 5.61 -10.39
CA LEU A 101 -9.71 4.79 -10.01
C LEU A 101 -9.48 4.87 -8.51
N HIS A 102 -9.66 6.07 -7.95
CA HIS A 102 -9.49 6.27 -6.52
C HIS A 102 -10.50 5.42 -5.75
N THR A 103 -11.64 5.16 -6.36
CA THR A 103 -12.68 4.34 -5.74
C THR A 103 -12.43 2.83 -5.96
N ILE A 104 -11.94 2.47 -7.14
CA ILE A 104 -11.56 1.09 -7.43
C ILE A 104 -10.41 0.61 -6.53
N GLU A 105 -9.51 1.55 -6.20
CA GLU A 105 -8.36 1.25 -5.36
C GLU A 105 -8.69 1.24 -3.86
N GLY A 106 -9.97 1.43 -3.52
CA GLY A 106 -10.43 1.35 -2.13
C GLY A 106 -10.01 2.51 -1.22
N VAL A 107 -9.64 3.61 -1.84
CA VAL A 107 -9.12 4.75 -1.08
C VAL A 107 -10.25 5.63 -0.52
N VAL A 108 -11.28 5.88 -1.32
CA VAL A 108 -12.31 6.87 -1.00
C VAL A 108 -13.40 6.78 -2.05
N ARG A 109 -14.61 7.23 -1.72
CA ARG A 109 -15.63 7.45 -2.75
C ARG A 109 -15.89 8.95 -2.94
N VAL A 110 -15.93 9.34 -4.21
CA VAL A 110 -15.97 10.74 -4.60
C VAL A 110 -17.34 11.11 -5.12
N THR A 111 -17.79 12.31 -4.76
CA THR A 111 -18.95 12.91 -5.40
C THR A 111 -18.56 14.31 -5.91
N PRO A 112 -18.63 14.51 -7.23
CA PRO A 112 -18.46 15.86 -7.77
C PRO A 112 -19.54 16.81 -7.29
N LEU A 113 -19.14 17.98 -6.79
CA LEU A 113 -20.04 19.10 -6.56
C LEU A 113 -20.14 19.87 -7.87
N THR A 114 -19.07 20.58 -8.19
CA THR A 114 -19.01 21.30 -9.45
C THR A 114 -17.67 21.05 -10.16
N VAL A 115 -17.72 20.82 -11.46
CA VAL A 115 -16.50 20.60 -12.23
C VAL A 115 -16.53 21.43 -13.47
N ASP A 116 -15.48 22.24 -13.61
CA ASP A 116 -15.28 23.12 -14.73
C ASP A 116 -13.87 22.79 -15.25
N ILE A 117 -13.79 22.20 -16.43
CA ILE A 117 -12.49 21.84 -17.01
C ILE A 117 -12.43 22.05 -18.53
N ASN A 118 -11.33 22.64 -18.99
CA ASN A 118 -10.95 22.65 -20.41
C ASN A 118 -9.47 22.43 -20.51
N ILE A 119 -9.08 21.25 -20.94
CA ILE A 119 -7.68 20.88 -20.98
C ILE A 119 -6.88 21.74 -21.97
N ALA A 120 -7.42 21.94 -23.16
CA ALA A 120 -6.75 22.72 -24.21
C ALA A 120 -6.41 24.15 -23.77
N ALA A 121 -7.35 24.80 -23.08
CA ALA A 121 -7.21 26.20 -22.70
C ALA A 121 -6.58 26.38 -21.32
N GLY A 122 -6.34 25.27 -20.63
CA GLY A 122 -5.72 25.32 -19.31
C GLY A 122 -6.64 25.76 -18.19
N VAL A 123 -7.93 25.55 -18.35
CA VAL A 123 -8.91 25.94 -17.32
C VAL A 123 -9.29 24.78 -16.39
N TYR A 124 -9.21 24.98 -15.08
CA TYR A 124 -9.72 23.95 -14.17
C TYR A 124 -10.20 24.53 -12.84
N HIS A 125 -11.43 24.20 -12.49
CA HIS A 125 -11.94 24.52 -11.17
C HIS A 125 -12.84 23.42 -10.72
N GLY A 126 -12.43 22.67 -9.69
CA GLY A 126 -13.17 21.49 -9.25
C GLY A 126 -13.35 21.31 -7.75
N GLU A 127 -14.59 21.04 -7.34
CA GLU A 127 -14.91 20.79 -5.93
C GLU A 127 -15.52 19.40 -5.80
N PHE A 128 -15.06 18.63 -4.80
CA PHE A 128 -15.56 17.28 -4.63
C PHE A 128 -15.84 16.92 -3.17
N LEU A 129 -16.75 15.96 -2.99
CA LEU A 129 -16.96 15.31 -1.69
C LEU A 129 -16.16 14.01 -1.61
N TRP A 130 -15.55 13.77 -0.46
CA TRP A 130 -14.92 12.50 -0.16
C TRP A 130 -15.67 11.83 0.97
N GLU A 131 -16.17 10.63 0.69
CA GLU A 131 -16.84 9.85 1.71
C GLU A 131 -16.09 8.55 1.94
N ASP A 132 -16.00 8.14 3.21
CA ASP A 132 -15.33 6.90 3.58
C ASP A 132 -13.86 6.94 3.21
N SER A 133 -13.22 8.09 3.40
CA SER A 133 -11.78 8.24 3.25
C SER A 133 -11.01 7.22 4.09
N PHE A 134 -10.22 6.36 3.45
CA PHE A 134 -9.46 5.39 4.22
C PHE A 134 -8.50 6.15 5.11
N GLU A 135 -7.91 7.22 4.57
CA GLU A 135 -6.77 7.86 5.20
C GLU A 135 -7.17 8.67 6.42
N GLY A 136 -8.30 9.36 6.31
CA GLY A 136 -8.87 10.08 7.43
C GLY A 136 -9.26 9.10 8.54
N ASP A 137 -9.95 8.04 8.15
CA ASP A 137 -10.39 7.03 9.10
C ASP A 137 -9.21 6.44 9.87
N VAL A 138 -8.12 6.12 9.19
CA VAL A 138 -6.98 5.50 9.88
C VAL A 138 -6.11 6.47 10.66
N HIS A 139 -6.07 7.74 10.26
CA HIS A 139 -5.29 8.74 10.99
C HIS A 139 -5.86 8.94 12.40
N ARG A 140 -7.18 8.90 12.50
CA ARG A 140 -7.89 9.08 13.76
C ARG A 140 -7.62 7.89 14.69
N GLN A 141 -7.39 6.72 14.09
CA GLN A 141 -7.16 5.50 14.83
C GLN A 141 -5.74 5.42 15.39
N MET A 142 -4.84 6.22 14.85
CA MET A 142 -3.46 6.24 15.30
C MET A 142 -3.11 7.47 16.13
N PHE A 143 -3.89 8.55 15.98
CA PHE A 143 -3.57 9.83 16.58
C PHE A 143 -4.77 10.51 17.24
N GLY A 144 -5.97 10.03 16.93
CA GLY A 144 -7.18 10.73 17.32
C GLY A 144 -7.60 11.77 16.29
N VAL A 145 -8.51 12.66 16.68
CA VAL A 145 -8.91 13.75 15.79
C VAL A 145 -7.73 14.69 15.59
N ALA A 146 -7.65 15.29 14.41
CA ALA A 146 -6.53 16.14 14.05
C ALA A 146 -6.89 17.61 14.01
N GLN A 147 -5.86 18.44 14.19
CA GLN A 147 -5.97 19.89 14.08
C GLN A 147 -6.33 20.32 12.65
N ALA A 148 -5.57 19.82 11.68
CA ALA A 148 -5.78 20.16 10.27
C ALA A 148 -6.09 18.89 9.44
N PRO A 149 -6.76 19.06 8.28
CA PRO A 149 -7.07 17.93 7.39
C PRO A 149 -5.92 16.94 7.24
N VAL A 150 -6.22 15.66 7.10
CA VAL A 150 -5.17 14.62 7.17
C VAL A 150 -5.10 13.63 5.98
N CYS A 151 -5.89 13.83 4.95
CA CYS A 151 -5.89 12.89 3.83
C CYS A 151 -4.81 13.28 2.82
N TRP A 152 -3.57 13.22 3.30
CA TRP A 152 -2.36 13.63 2.59
C TRP A 152 -2.11 12.87 1.30
N MET A 153 -2.09 11.55 1.39
CA MET A 153 -1.93 10.71 0.22
C MET A 153 -3.08 10.90 -0.76
N GLN A 154 -4.30 11.04 -0.24
CA GLN A 154 -5.48 11.23 -1.09
C GLN A 154 -5.44 12.57 -1.83
N ILE A 155 -4.99 13.63 -1.15
CA ILE A 155 -4.85 14.94 -1.78
C ILE A 155 -3.77 14.94 -2.87
N GLY A 156 -2.63 14.34 -2.55
CA GLY A 156 -1.54 14.24 -3.50
C GLY A 156 -1.94 13.54 -4.80
N TYR A 157 -2.75 12.48 -4.67
CA TYR A 157 -3.30 11.76 -5.82
C TYR A 157 -4.12 12.66 -6.73
N ALA A 158 -5.12 13.36 -6.18
CA ALA A 158 -5.91 14.33 -6.96
C ALA A 158 -5.03 15.36 -7.67
N THR A 159 -4.06 15.87 -6.94
CA THR A 159 -3.09 16.81 -7.49
C THR A 159 -2.30 16.19 -8.65
N GLY A 160 -1.72 15.03 -8.42
CA GLY A 160 -0.92 14.34 -9.42
C GLY A 160 -1.73 13.91 -10.62
N TYR A 161 -2.89 13.32 -10.38
CA TYR A 161 -3.77 12.91 -11.46
C TYR A 161 -4.14 14.12 -12.31
N THR A 162 -4.71 15.13 -11.68
CA THR A 162 -5.20 16.28 -12.43
C THR A 162 -4.10 17.04 -13.10
N SER A 163 -2.94 17.18 -12.45
CA SER A 163 -1.84 17.94 -13.04
C SER A 163 -1.34 17.24 -14.30
N ALA A 164 -1.15 15.92 -14.21
CA ALA A 164 -0.71 15.11 -15.36
C ALA A 164 -1.73 15.15 -16.51
N LEU A 165 -3.01 15.08 -16.16
CA LEU A 165 -4.05 15.18 -17.17
C LEU A 165 -4.01 16.53 -17.90
N MET A 166 -3.80 17.62 -17.15
CA MET A 166 -3.86 18.98 -17.71
C MET A 166 -2.53 19.42 -18.33
N GLY A 167 -1.44 18.75 -17.99
CA GLY A 167 -0.13 19.24 -18.38
C GLY A 167 0.22 20.56 -17.69
N LYS A 168 -0.49 20.87 -16.61
CA LYS A 168 -0.14 22.02 -15.79
C LYS A 168 -0.46 21.75 -14.32
N THR A 169 0.20 22.46 -13.42
CA THR A 169 0.06 22.15 -11.99
C THR A 169 -1.28 22.59 -11.43
N ILE A 170 -2.08 21.59 -11.07
CA ILE A 170 -3.36 21.79 -10.44
C ILE A 170 -3.25 21.31 -8.99
N LEU A 171 -3.27 22.24 -8.04
CA LEU A 171 -3.16 21.87 -6.63
C LEU A 171 -4.52 21.69 -6.00
N TYR A 172 -4.63 20.74 -5.08
CA TYR A 172 -5.84 20.53 -4.31
C TYR A 172 -5.65 20.83 -2.83
N ARG A 173 -6.73 21.25 -2.17
CA ARG A 173 -6.71 21.40 -0.73
C ARG A 173 -7.98 20.84 -0.12
N GLU A 174 -7.86 20.22 1.06
CA GLU A 174 -9.00 19.79 1.82
C GLU A 174 -9.59 20.94 2.62
N LEU A 175 -10.85 21.29 2.37
CA LEU A 175 -11.52 22.35 3.13
C LEU A 175 -12.25 21.76 4.33
N GLU A 176 -12.42 20.44 4.28
CA GLU A 176 -13.12 19.69 5.29
C GLU A 176 -12.49 18.30 5.37
N CYS A 177 -12.49 17.68 6.55
CA CYS A 177 -11.87 16.35 6.69
C CYS A 177 -12.35 15.56 7.90
N VAL A 178 -12.79 14.32 7.66
CA VAL A 178 -13.20 13.43 8.75
C VAL A 178 -12.13 13.31 9.84
N GLY A 179 -10.86 13.40 9.48
CA GLY A 179 -9.80 13.31 10.46
C GLY A 179 -9.85 14.46 11.46
N CYS A 180 -10.67 15.45 11.13
CA CYS A 180 -10.87 16.62 11.97
C CYS A 180 -12.17 16.66 12.81
N GLY A 181 -13.13 15.76 12.54
CA GLY A 181 -14.35 15.69 13.35
C GLY A 181 -15.55 15.94 12.46
N HIS A 182 -15.20 16.27 11.23
CA HIS A 182 -16.04 16.48 10.08
C HIS A 182 -16.79 15.19 9.66
N PRO A 183 -18.04 15.30 9.15
CA PRO A 183 -18.63 13.98 8.87
C PRO A 183 -18.23 13.43 7.48
N HIS A 184 -17.37 14.18 6.79
CA HIS A 184 -16.90 13.86 5.45
C HIS A 184 -15.75 14.79 5.08
N CYS A 185 -15.10 14.51 3.95
CA CYS A 185 -14.06 15.38 3.43
C CYS A 185 -14.60 16.16 2.25
N ARG A 186 -14.05 17.34 2.04
CA ARG A 186 -14.38 18.18 0.90
C ARG A 186 -13.12 18.86 0.36
N ILE A 187 -12.96 18.81 -0.96
CA ILE A 187 -11.72 19.26 -1.59
C ILE A 187 -11.95 20.29 -2.69
N LEU A 188 -10.92 21.09 -2.92
CA LEU A 188 -10.92 22.10 -3.96
C LEU A 188 -9.63 22.03 -4.75
N GLY A 189 -9.74 21.87 -6.06
CA GLY A 189 -8.56 21.89 -6.91
C GLY A 189 -8.57 23.00 -7.92
N LYS A 190 -7.45 23.70 -8.06
CA LYS A 190 -7.37 24.74 -9.07
C LYS A 190 -5.91 25.02 -9.41
N PRO A 191 -5.68 25.75 -10.52
CA PRO A 191 -4.29 25.98 -10.92
C PRO A 191 -3.51 26.68 -9.81
N LEU A 192 -2.24 26.29 -9.72
CA LEU A 192 -1.23 26.88 -8.84
C LEU A 192 -1.43 28.37 -8.57
N GLU A 193 -1.52 29.15 -9.64
CA GLU A 193 -1.55 30.62 -9.55
C GLU A 193 -2.85 31.17 -8.95
N GLN A 194 -3.86 30.33 -8.81
CA GLN A 194 -5.15 30.76 -8.26
C GLN A 194 -5.27 30.51 -6.76
N TRP A 195 -4.22 29.94 -6.19
CA TRP A 195 -4.03 29.87 -4.74
C TRP A 195 -3.10 31.00 -4.32
N GLU A 196 -3.40 31.64 -3.18
CA GLU A 196 -2.52 32.70 -2.66
C GLU A 196 -1.25 32.11 -2.01
N ASP A 197 -1.39 30.90 -1.49
CA ASP A 197 -0.28 30.23 -0.81
C ASP A 197 0.29 29.10 -1.70
N GLY A 198 -0.10 29.10 -2.96
CA GLY A 198 0.26 28.04 -3.90
C GLY A 198 1.73 27.71 -4.03
N GLU A 199 2.61 28.63 -3.64
CA GLU A 199 4.04 28.38 -3.78
C GLU A 199 4.56 27.54 -2.62
N ALA A 200 3.90 27.65 -1.46
CA ALA A 200 4.30 26.89 -0.28
C ALA A 200 3.60 25.53 -0.25
N GLU A 201 2.53 25.42 -1.02
CA GLU A 201 1.83 24.15 -1.15
C GLU A 201 2.63 23.25 -2.10
N LEU A 202 3.11 23.86 -3.17
CA LEU A 202 3.88 23.16 -4.20
C LEU A 202 5.17 22.59 -3.63
N ALA A 203 5.72 23.30 -2.64
CA ALA A 203 6.92 22.86 -1.94
C ALA A 203 6.79 21.46 -1.32
N LEU A 204 5.60 21.10 -0.85
CA LEU A 204 5.41 19.78 -0.23
C LEU A 204 5.57 18.64 -1.24
N TYR A 205 5.51 18.95 -2.53
CA TYR A 205 5.63 17.92 -3.56
C TYR A 205 7.09 17.73 -3.99
N GLN A 206 8.00 18.36 -3.26
CA GLN A 206 9.46 18.23 -3.50
C GLN A 206 10.14 17.46 -2.37
N PRO A 207 10.80 16.32 -2.71
CA PRO A 207 11.51 15.48 -1.73
C PRO A 207 12.63 16.19 -0.97
N ASP B 14 -6.28 -24.14 -3.90
CA ASP B 14 -7.24 -24.63 -2.90
C ASP B 14 -7.31 -23.62 -1.76
N GLY B 15 -6.21 -23.50 -1.03
CA GLY B 15 -6.11 -22.48 -0.01
C GLY B 15 -6.34 -21.11 -0.61
N LEU B 16 -5.90 -20.93 -1.87
CA LEU B 16 -6.08 -19.65 -2.58
C LEU B 16 -7.55 -19.38 -2.88
N SER B 17 -8.20 -20.36 -3.52
CA SER B 17 -9.60 -20.27 -3.88
C SER B 17 -10.48 -19.97 -2.68
N ASN B 18 -10.15 -20.62 -1.56
CA ASN B 18 -10.90 -20.48 -0.33
C ASN B 18 -10.72 -19.10 0.25
N LEU B 19 -9.47 -18.67 0.38
CA LEU B 19 -9.18 -17.37 0.97
C LEU B 19 -9.57 -16.20 0.05
N ALA B 20 -9.45 -16.38 -1.25
CA ALA B 20 -9.83 -15.35 -2.22
C ALA B 20 -11.27 -14.88 -2.06
N ARG B 21 -12.14 -15.76 -1.56
CA ARG B 21 -13.56 -15.44 -1.38
C ARG B 21 -13.77 -14.45 -0.25
N ARG B 22 -12.80 -14.33 0.64
CA ARG B 22 -12.85 -13.37 1.74
C ARG B 22 -12.36 -11.97 1.32
N LEU B 23 -11.88 -11.86 0.08
CA LEU B 23 -11.52 -10.56 -0.47
C LEU B 23 -12.73 -9.98 -1.19
N ARG B 24 -13.22 -8.82 -0.77
CA ARG B 24 -14.37 -8.23 -1.46
C ARG B 24 -14.22 -6.73 -1.74
N PHE B 25 -14.69 -6.34 -2.92
CA PHE B 25 -14.70 -4.93 -3.33
C PHE B 25 -16.05 -4.30 -3.04
N ALA B 26 -16.06 -3.28 -2.18
CA ALA B 26 -17.29 -2.57 -1.86
C ALA B 26 -17.25 -1.15 -2.41
N MET B 27 -17.48 -1.01 -3.72
CA MET B 27 -17.31 0.30 -4.35
C MET B 27 -18.28 1.31 -3.76
N LYS B 28 -19.43 0.88 -3.26
CA LYS B 28 -20.43 1.81 -2.81
C LYS B 28 -19.91 2.50 -1.53
N GLU B 29 -18.96 1.84 -0.87
CA GLU B 29 -18.19 2.50 0.23
C GLU B 29 -16.85 3.05 -0.23
N GLY B 30 -16.53 2.86 -1.52
CA GLY B 30 -15.18 3.02 -2.04
C GLY B 30 -14.20 2.32 -1.13
N SER B 31 -14.46 1.05 -0.82
CA SER B 31 -13.57 0.35 0.09
C SER B 31 -13.34 -1.07 -0.40
N ILE B 32 -12.27 -1.68 0.10
CA ILE B 32 -11.92 -3.03 -0.23
C ILE B 32 -11.64 -3.77 1.07
N TRP B 33 -12.18 -4.96 1.22
CA TRP B 33 -12.05 -5.69 2.49
C TRP B 33 -11.41 -7.07 2.29
N LEU B 34 -10.47 -7.41 3.16
CA LEU B 34 -9.93 -8.76 3.21
C LEU B 34 -10.18 -9.30 4.61
N GLY B 35 -11.17 -10.17 4.73
CA GLY B 35 -11.67 -10.54 6.04
C GLY B 35 -12.23 -9.31 6.74
N GLU B 36 -11.65 -8.96 7.89
CA GLU B 36 -12.10 -7.83 8.67
C GLU B 36 -11.30 -6.56 8.39
N GLN B 37 -10.28 -6.67 7.57
CA GLN B 37 -9.33 -5.58 7.36
C GLN B 37 -9.62 -4.78 6.09
N ARG B 38 -9.65 -3.46 6.21
CA ARG B 38 -9.76 -2.60 5.05
C ARG B 38 -8.42 -2.54 4.32
N MET B 39 -8.47 -2.69 3.00
CA MET B 39 -7.29 -2.74 2.14
C MET B 39 -7.34 -1.62 1.10
N ILE B 40 -6.17 -1.17 0.65
CA ILE B 40 -6.12 -0.34 -0.55
C ILE B 40 -5.23 -1.01 -1.61
N LEU B 41 -5.57 -0.81 -2.88
CA LEU B 41 -4.67 -1.17 -3.96
C LEU B 41 -3.68 -0.04 -4.10
N LEU B 42 -2.40 -0.35 -3.95
CA LEU B 42 -1.39 0.68 -4.08
C LEU B 42 -0.36 0.34 -5.16
N HIS B 43 0.01 1.34 -5.94
CA HIS B 43 1.01 1.13 -7.00
C HIS B 43 2.37 0.82 -6.37
N THR B 44 3.03 -0.23 -6.82
CA THR B 44 4.35 -0.55 -6.30
C THR B 44 5.37 0.53 -6.61
N ALA B 45 5.18 1.23 -7.73
CA ALA B 45 6.03 2.37 -8.07
C ALA B 45 5.90 3.48 -7.02
N ALA B 46 4.69 3.70 -6.50
CA ALA B 46 4.48 4.73 -5.50
C ALA B 46 5.14 4.32 -4.17
N LEU B 47 5.01 3.06 -3.81
CA LEU B 47 5.67 2.52 -2.63
C LEU B 47 7.19 2.56 -2.83
N GLY B 48 7.60 2.27 -4.06
CA GLY B 48 9.02 2.28 -4.42
C GLY B 48 9.64 3.66 -4.28
N ALA B 49 8.91 4.70 -4.67
CA ALA B 49 9.43 6.06 -4.53
C ALA B 49 9.47 6.53 -3.08
N LEU B 50 8.51 6.08 -2.26
CA LEU B 50 8.60 6.31 -0.82
C LEU B 50 9.85 5.63 -0.25
N ARG B 51 10.09 4.40 -0.67
CA ARG B 51 11.22 3.63 -0.16
C ARG B 51 12.50 4.36 -0.49
N LYS B 52 12.60 4.85 -1.72
CA LYS B 52 13.75 5.62 -2.18
C LYS B 52 14.00 6.84 -1.30
N GLU B 53 12.95 7.65 -1.06
CA GLU B 53 13.07 8.80 -0.17
C GLU B 53 13.56 8.40 1.22
N LEU B 54 12.91 7.40 1.81
CA LEU B 54 13.29 6.86 3.13
C LEU B 54 14.75 6.40 3.17
N VAL B 55 15.17 5.60 2.19
CA VAL B 55 16.56 5.18 2.10
C VAL B 55 17.49 6.38 1.92
N ASP B 56 17.13 7.27 1.00
CA ASP B 56 17.95 8.45 0.71
C ASP B 56 18.12 9.33 1.93
N THR B 57 17.11 9.44 2.80
CA THR B 57 17.20 10.39 3.93
C THR B 57 17.45 9.78 5.31
N LEU B 58 17.13 8.51 5.51
CA LEU B 58 17.31 7.89 6.81
C LEU B 58 18.38 6.83 6.75
N GLY B 59 18.70 6.40 5.54
CA GLY B 59 19.71 5.39 5.32
C GLY B 59 19.12 4.01 5.17
N MET B 60 19.82 3.14 4.44
CA MET B 60 19.35 1.80 4.13
C MET B 60 18.86 1.03 5.36
N GLU B 61 19.61 1.07 6.45
CA GLU B 61 19.29 0.31 7.67
C GLU B 61 17.98 0.75 8.32
N ARG B 62 17.85 2.06 8.56
CA ARG B 62 16.66 2.63 9.16
C ARG B 62 15.41 2.39 8.30
N ALA B 63 15.58 2.38 6.98
CA ALA B 63 14.47 2.17 6.05
C ALA B 63 14.03 0.70 6.06
N ARG B 64 15.00 -0.19 6.07
CA ARG B 64 14.77 -1.63 6.18
C ARG B 64 13.85 -1.97 7.36
N GLY B 65 14.09 -1.32 8.50
CA GLY B 65 13.32 -1.58 9.70
C GLY B 65 11.89 -1.07 9.65
N LEU B 66 11.69 0.16 9.20
CA LEU B 66 10.35 0.69 8.99
C LEU B 66 9.49 -0.29 8.19
N PHE B 67 10.04 -0.75 7.07
CA PHE B 67 9.30 -1.64 6.20
C PHE B 67 9.09 -3.01 6.83
N MET B 68 10.10 -3.54 7.51
CA MET B 68 9.93 -4.84 8.16
C MET B 68 8.79 -4.79 9.17
N ARG B 69 8.63 -3.66 9.86
CA ARG B 69 7.61 -3.55 10.92
C ARG B 69 6.23 -3.31 10.31
N MET B 70 6.20 -2.58 9.19
CA MET B 70 4.99 -2.51 8.39
C MET B 70 4.55 -3.90 7.91
N GLY B 71 5.49 -4.64 7.34
CA GLY B 71 5.20 -6.01 6.94
C GLY B 71 4.73 -6.83 8.14
N PHE B 72 5.37 -6.62 9.28
CA PHE B 72 4.99 -7.31 10.50
C PHE B 72 3.52 -7.08 10.83
N HIS B 73 2.96 -5.85 10.69
CA HIS B 73 1.57 -5.73 11.13
C HIS B 73 0.61 -6.33 10.14
N SER B 74 0.91 -6.21 8.85
CA SER B 74 0.12 -6.91 7.85
C SER B 74 0.01 -8.40 8.21
N GLY B 75 1.15 -9.04 8.46
CA GLY B 75 1.18 -10.48 8.73
C GLY B 75 0.36 -10.85 9.96
N VAL B 76 0.54 -10.10 11.05
CA VAL B 76 -0.26 -10.32 12.26
C VAL B 76 -1.75 -10.23 11.96
N ARG B 77 -2.15 -9.26 11.15
CA ARG B 77 -3.56 -9.10 10.81
C ARG B 77 -4.07 -10.26 9.96
N ASP B 78 -3.25 -10.75 9.03
CA ASP B 78 -3.73 -11.86 8.20
C ASP B 78 -3.80 -13.17 9.00
N ALA B 79 -2.97 -13.26 10.05
CA ALA B 79 -3.03 -14.40 10.95
C ALA B 79 -4.34 -14.41 11.78
N GLU B 80 -4.80 -13.24 12.23
CA GLU B 80 -6.07 -13.15 12.94
C GLU B 80 -7.18 -13.66 12.03
N LEU B 81 -7.10 -13.29 10.75
CA LEU B 81 -8.08 -13.70 9.76
C LEU B 81 -8.06 -15.21 9.56
N ALA B 82 -6.86 -15.77 9.52
CA ALA B 82 -6.69 -17.21 9.33
C ALA B 82 -7.14 -17.99 10.57
N LYS B 83 -6.98 -17.36 11.73
CA LYS B 83 -7.38 -17.99 12.99
C LYS B 83 -8.86 -18.31 13.01
N THR B 84 -9.66 -17.43 12.40
CA THR B 84 -11.11 -17.61 12.35
C THR B 84 -11.48 -18.72 11.37
N MET B 85 -10.66 -18.92 10.36
CA MET B 85 -10.90 -19.94 9.35
C MET B 85 -10.26 -21.27 9.75
N ARG B 86 -10.10 -21.51 11.03
CA ARG B 86 -9.32 -22.66 11.49
C ARG B 86 -9.92 -24.07 11.48
N SER B 87 -11.22 -24.26 11.29
CA SER B 87 -11.82 -25.56 11.55
C SER B 87 -11.55 -26.53 10.41
N GLY B 88 -11.23 -27.74 10.80
CA GLY B 88 -10.93 -28.76 9.86
C GLY B 88 -9.51 -28.67 9.40
N HIS B 89 -8.84 -27.55 9.63
CA HIS B 89 -7.50 -27.39 9.09
C HIS B 89 -6.40 -27.84 10.00
N SER B 90 -5.44 -28.49 9.40
CA SER B 90 -4.25 -28.93 10.07
C SER B 90 -3.37 -27.76 10.44
N ASP B 91 -2.31 -28.04 11.16
CA ASP B 91 -1.39 -26.97 11.52
C ASP B 91 -0.75 -26.43 10.23
N PHE B 92 -0.40 -27.35 9.33
CA PHE B 92 0.24 -26.95 8.08
C PHE B 92 -0.72 -26.16 7.19
N GLY B 93 -1.98 -26.58 7.17
CA GLY B 93 -3.03 -25.89 6.44
C GLY B 93 -3.25 -24.48 6.95
N MET B 94 -3.13 -24.32 8.27
CA MET B 94 -3.21 -23.01 8.91
C MET B 94 -2.03 -22.14 8.47
N LEU B 95 -0.83 -22.71 8.51
CA LEU B 95 0.38 -22.01 8.08
C LEU B 95 0.28 -21.57 6.63
N GLU B 96 -0.20 -22.49 5.79
CA GLU B 96 -0.31 -22.30 4.35
C GLU B 96 -1.13 -21.08 3.93
N MET B 97 -2.10 -20.68 4.77
CA MET B 97 -2.96 -19.53 4.49
C MET B 97 -2.15 -18.24 4.36
N GLY B 98 -1.04 -18.17 5.11
CA GLY B 98 -0.13 -17.03 5.09
C GLY B 98 0.48 -16.75 3.73
N PRO B 99 1.29 -17.70 3.21
CA PRO B 99 1.76 -17.66 1.84
C PRO B 99 0.62 -17.35 0.86
N CYS B 100 -0.56 -17.92 1.10
CA CYS B 100 -1.71 -17.74 0.20
C CYS B 100 -2.23 -16.31 0.19
N LEU B 101 -2.37 -15.71 1.37
CA LEU B 101 -2.81 -14.32 1.47
C LEU B 101 -1.78 -13.38 0.86
N HIS B 102 -0.50 -13.70 1.07
CA HIS B 102 0.58 -12.89 0.57
C HIS B 102 0.51 -12.86 -0.96
N THR B 103 0.13 -14.01 -1.52
CA THR B 103 0.01 -14.22 -2.95
C THR B 103 -1.26 -13.53 -3.50
N ILE B 104 -2.38 -13.70 -2.80
CA ILE B 104 -3.62 -12.98 -3.13
C ILE B 104 -3.41 -11.46 -3.15
N GLU B 105 -2.57 -10.97 -2.24
CA GLU B 105 -2.34 -9.54 -2.13
C GLU B 105 -1.37 -9.01 -3.20
N GLY B 106 -0.93 -9.89 -4.10
CA GLY B 106 -0.03 -9.56 -5.19
C GLY B 106 1.38 -9.21 -4.78
N VAL B 107 1.75 -9.56 -3.55
CA VAL B 107 3.04 -9.18 -3.02
C VAL B 107 4.16 -10.03 -3.62
N VAL B 108 3.93 -11.35 -3.69
CA VAL B 108 4.95 -12.33 -4.02
C VAL B 108 4.25 -13.65 -4.33
N ARG B 109 4.87 -14.49 -5.14
CA ARG B 109 4.40 -15.85 -5.40
C ARG B 109 5.21 -16.82 -4.54
N VAL B 110 4.54 -17.54 -3.66
CA VAL B 110 5.20 -18.37 -2.66
C VAL B 110 5.08 -19.86 -2.95
N THR B 111 6.20 -20.56 -2.86
CA THR B 111 6.21 -22.01 -2.90
C THR B 111 6.87 -22.55 -1.62
N PRO B 112 6.07 -23.22 -0.77
CA PRO B 112 6.62 -23.90 0.41
C PRO B 112 7.55 -25.04 0.00
N LEU B 113 8.79 -25.02 0.47
CA LEU B 113 9.69 -26.14 0.23
C LEU B 113 9.89 -27.35 1.18
N THR B 114 10.38 -27.12 2.38
CA THR B 114 10.19 -27.96 3.57
C THR B 114 9.52 -27.20 4.71
N VAL B 115 8.38 -27.71 5.18
CA VAL B 115 7.71 -27.09 6.32
C VAL B 115 7.45 -28.10 7.46
N ASP B 116 8.10 -27.86 8.59
CA ASP B 116 7.90 -28.65 9.81
C ASP B 116 7.19 -27.80 10.89
N ILE B 117 5.92 -28.06 11.16
CA ILE B 117 5.21 -27.28 12.17
C ILE B 117 4.35 -28.12 13.13
N ASN B 118 4.37 -27.72 14.40
CA ASN B 118 3.44 -28.22 15.41
C ASN B 118 3.26 -27.14 16.46
N ILE B 119 2.10 -26.48 16.43
CA ILE B 119 1.90 -25.27 17.23
C ILE B 119 1.87 -25.60 18.70
N ALA B 120 1.22 -26.71 19.05
CA ALA B 120 1.15 -27.16 20.44
C ALA B 120 2.53 -27.37 21.02
N ALA B 121 3.42 -27.94 20.22
CA ALA B 121 4.75 -28.26 20.69
C ALA B 121 5.76 -27.13 20.46
N GLY B 122 5.32 -26.01 19.87
CA GLY B 122 6.23 -24.90 19.62
C GLY B 122 7.28 -25.26 18.56
N VAL B 123 6.92 -26.20 17.69
CA VAL B 123 7.78 -26.66 16.62
C VAL B 123 7.59 -25.81 15.38
N TYR B 124 8.65 -25.22 14.85
CA TYR B 124 8.55 -24.60 13.52
C TYR B 124 9.89 -24.50 12.80
N HIS B 125 9.91 -25.00 11.59
CA HIS B 125 11.07 -24.86 10.71
C HIS B 125 10.53 -24.83 9.30
N GLY B 126 10.59 -23.66 8.66
CA GLY B 126 9.99 -23.49 7.36
C GLY B 126 10.92 -22.83 6.35
N GLU B 127 11.01 -23.45 5.18
CA GLU B 127 11.79 -22.93 4.05
C GLU B 127 10.85 -22.70 2.88
N PHE B 128 11.00 -21.53 2.25
CA PHE B 128 10.07 -21.10 1.21
C PHE B 128 10.79 -20.45 0.05
N LEU B 129 10.25 -20.66 -1.14
CA LEU B 129 10.74 -20.01 -2.34
C LEU B 129 9.88 -18.79 -2.65
N TRP B 130 10.52 -17.67 -2.96
CA TRP B 130 9.81 -16.47 -3.39
C TRP B 130 10.10 -16.14 -4.86
N GLU B 131 9.03 -16.01 -5.64
CA GLU B 131 9.17 -15.61 -7.02
C GLU B 131 8.37 -14.36 -7.29
N ASP B 132 8.94 -13.51 -8.13
CA ASP B 132 8.32 -12.24 -8.50
C ASP B 132 8.03 -11.39 -7.26
N SER B 133 8.96 -11.37 -6.31
CA SER B 133 8.89 -10.51 -5.14
C SER B 133 8.73 -9.04 -5.57
N PHE B 134 7.62 -8.39 -5.21
CA PHE B 134 7.44 -7.02 -5.70
C PHE B 134 8.54 -6.15 -5.10
N GLU B 135 8.92 -6.44 -3.86
CA GLU B 135 9.93 -5.63 -3.18
C GLU B 135 11.30 -5.69 -3.87
N GLY B 136 11.74 -6.91 -4.19
CA GLY B 136 13.01 -7.10 -4.88
C GLY B 136 13.09 -6.40 -6.24
N ASP B 137 12.04 -6.55 -7.04
CA ASP B 137 12.01 -5.92 -8.35
C ASP B 137 11.54 -4.45 -8.31
N VAL B 138 11.32 -3.92 -7.11
CA VAL B 138 11.04 -2.48 -6.94
C VAL B 138 12.31 -1.74 -6.47
N HIS B 139 13.03 -2.35 -5.54
CA HIS B 139 14.34 -1.89 -5.10
C HIS B 139 15.28 -1.82 -6.31
N ARG B 140 15.19 -2.82 -7.18
CA ARG B 140 16.00 -2.88 -8.41
C ARG B 140 15.81 -1.65 -9.30
N GLN B 141 14.55 -1.31 -9.59
CA GLN B 141 14.22 -0.18 -10.45
C GLN B 141 14.72 1.17 -9.92
N MET B 142 15.19 1.23 -8.67
CA MET B 142 15.64 2.51 -8.13
C MET B 142 16.99 2.48 -7.43
N PHE B 143 17.53 1.29 -7.20
CA PHE B 143 18.83 1.21 -6.54
C PHE B 143 19.75 0.30 -7.32
N GLY B 144 19.18 -0.46 -8.24
CA GLY B 144 19.91 -1.54 -8.88
C GLY B 144 20.11 -2.65 -7.87
N VAL B 145 21.21 -3.39 -8.00
CA VAL B 145 21.49 -4.52 -7.15
C VAL B 145 22.09 -4.05 -5.83
N ALA B 146 21.99 -4.88 -4.78
CA ALA B 146 22.46 -4.54 -3.43
C ALA B 146 23.22 -5.67 -2.74
N GLN B 147 24.01 -5.30 -1.73
CA GLN B 147 24.75 -6.28 -0.94
C GLN B 147 23.87 -7.28 -0.20
N ALA B 148 22.90 -6.75 0.53
CA ALA B 148 22.14 -7.57 1.46
C ALA B 148 20.72 -7.78 0.92
N PRO B 149 20.00 -8.79 1.44
CA PRO B 149 18.61 -9.02 1.01
C PRO B 149 17.73 -7.78 1.18
N VAL B 150 16.76 -7.60 0.28
CA VAL B 150 16.04 -6.33 0.24
C VAL B 150 14.51 -6.45 0.34
N CYS B 151 14.01 -7.66 0.57
CA CYS B 151 12.57 -7.85 0.68
C CYS B 151 12.13 -7.75 2.13
N TRP B 152 12.29 -6.54 2.67
CA TRP B 152 12.10 -6.27 4.08
C TRP B 152 10.65 -6.43 4.56
N MET B 153 9.75 -5.75 3.86
CA MET B 153 8.33 -5.82 4.19
C MET B 153 7.78 -7.23 4.04
N GLN B 154 8.25 -7.95 3.02
CA GLN B 154 7.84 -9.33 2.82
C GLN B 154 8.28 -10.22 3.99
N ILE B 155 9.50 -10.00 4.48
CA ILE B 155 10.03 -10.81 5.57
C ILE B 155 9.26 -10.53 6.86
N GLY B 156 8.99 -9.26 7.12
CA GLY B 156 8.19 -8.87 8.28
C GLY B 156 6.83 -9.53 8.27
N TYR B 157 6.17 -9.55 7.12
CA TYR B 157 4.89 -10.24 7.01
C TYR B 157 4.98 -11.74 7.43
N ALA B 158 5.95 -12.47 6.88
CA ALA B 158 6.12 -13.89 7.26
C ALA B 158 6.33 -14.03 8.77
N THR B 159 7.21 -13.19 9.28
CA THR B 159 7.61 -13.17 10.68
C THR B 159 6.39 -12.90 11.53
N GLY B 160 5.68 -11.82 11.18
CA GLY B 160 4.46 -11.45 11.86
C GLY B 160 3.41 -12.54 11.83
N TYR B 161 3.16 -13.09 10.64
CA TYR B 161 2.10 -14.09 10.48
C TYR B 161 2.42 -15.35 11.28
N THR B 162 3.66 -15.80 11.18
CA THR B 162 4.01 -17.07 11.78
C THR B 162 4.12 -16.91 13.30
N SER B 163 4.66 -15.80 13.77
CA SER B 163 4.75 -15.56 15.21
C SER B 163 3.35 -15.49 15.84
N ALA B 164 2.43 -14.83 15.13
CA ALA B 164 1.04 -14.77 15.57
C ALA B 164 0.41 -16.15 15.62
N LEU B 165 0.65 -16.96 14.59
CA LEU B 165 0.11 -18.31 14.54
C LEU B 165 0.69 -19.19 15.67
N MET B 166 2.00 -19.12 15.86
CA MET B 166 2.67 -20.01 16.78
C MET B 166 2.51 -19.54 18.22
N GLY B 167 2.07 -18.30 18.41
CA GLY B 167 2.06 -17.70 19.74
C GLY B 167 3.46 -17.61 20.32
N LYS B 168 4.47 -17.57 19.46
CA LYS B 168 5.82 -17.38 19.95
C LYS B 168 6.67 -16.70 18.88
N THR B 169 7.76 -16.07 19.29
CA THR B 169 8.63 -15.37 18.35
C THR B 169 9.23 -16.29 17.29
N ILE B 170 8.78 -16.12 16.05
CA ILE B 170 9.36 -16.82 14.90
C ILE B 170 9.95 -15.79 13.94
N LEU B 171 11.26 -15.85 13.71
CA LEU B 171 11.93 -14.92 12.82
C LEU B 171 12.21 -15.59 11.47
N TYR B 172 12.27 -14.76 10.43
CA TYR B 172 12.63 -15.20 9.10
C TYR B 172 13.81 -14.40 8.59
N ARG B 173 14.65 -15.06 7.79
CA ARG B 173 15.72 -14.40 7.07
C ARG B 173 15.68 -14.83 5.61
N GLU B 174 16.03 -13.93 4.70
CA GLU B 174 16.25 -14.30 3.31
C GLU B 174 17.64 -14.87 3.12
N LEU B 175 17.74 -16.12 2.65
CA LEU B 175 19.03 -16.72 2.39
C LEU B 175 19.56 -16.25 1.04
N GLU B 176 18.63 -16.06 0.10
CA GLU B 176 18.94 -15.44 -1.19
C GLU B 176 17.84 -14.46 -1.58
N CYS B 177 18.18 -13.48 -2.41
CA CYS B 177 17.20 -12.47 -2.85
C CYS B 177 17.53 -11.92 -4.25
N VAL B 178 16.49 -11.80 -5.07
CA VAL B 178 16.59 -11.20 -6.41
C VAL B 178 17.25 -9.81 -6.45
N GLY B 179 17.23 -9.10 -5.33
CA GLY B 179 17.84 -7.78 -5.27
C GLY B 179 19.32 -7.84 -4.93
N CYS B 180 19.78 -9.04 -4.60
CA CYS B 180 21.20 -9.27 -4.41
C CYS B 180 21.77 -9.76 -5.76
N GLY B 181 20.88 -10.04 -6.72
CA GLY B 181 21.25 -10.55 -8.02
C GLY B 181 20.96 -12.01 -8.25
N HIS B 182 20.53 -12.72 -7.20
CA HIS B 182 20.22 -14.14 -7.33
C HIS B 182 18.93 -14.39 -8.15
N PRO B 183 18.74 -15.62 -8.68
CA PRO B 183 17.55 -15.86 -9.52
C PRO B 183 16.24 -15.87 -8.76
N HIS B 184 16.31 -16.04 -7.44
CA HIS B 184 15.11 -16.13 -6.62
C HIS B 184 15.35 -15.57 -5.22
N CYS B 185 14.25 -15.32 -4.51
CA CYS B 185 14.34 -15.12 -3.07
C CYS B 185 14.07 -16.46 -2.41
N ARG B 186 14.80 -16.76 -1.35
CA ARG B 186 14.55 -17.98 -0.58
C ARG B 186 14.61 -17.63 0.89
N ILE B 187 13.67 -18.14 1.68
CA ILE B 187 13.61 -17.71 3.08
C ILE B 187 13.58 -18.89 4.04
N LEU B 188 14.02 -18.62 5.27
CA LEU B 188 14.02 -19.64 6.31
C LEU B 188 13.42 -19.07 7.58
N GLY B 189 12.34 -19.68 8.08
CA GLY B 189 11.78 -19.30 9.34
C GLY B 189 11.94 -20.36 10.45
N LYS B 190 12.21 -19.91 11.66
CA LYS B 190 12.44 -20.80 12.80
C LYS B 190 12.45 -19.96 14.06
N PRO B 191 12.27 -20.60 15.24
CA PRO B 191 12.24 -19.86 16.51
C PRO B 191 13.48 -19.02 16.81
N LEU B 192 13.27 -17.93 17.55
CA LEU B 192 14.31 -17.00 17.94
C LEU B 192 15.61 -17.66 18.44
N GLU B 193 15.46 -18.75 19.19
CA GLU B 193 16.61 -19.47 19.76
C GLU B 193 17.54 -20.12 18.72
N GLN B 194 17.01 -20.41 17.55
CA GLN B 194 17.79 -21.14 16.56
C GLN B 194 18.49 -20.20 15.58
N TRP B 195 18.41 -18.90 15.83
CA TRP B 195 19.17 -17.94 15.03
C TRP B 195 20.43 -17.50 15.76
N GLU B 196 21.55 -17.55 15.05
CA GLU B 196 22.85 -17.19 15.60
C GLU B 196 22.87 -15.76 16.12
N ASP B 197 22.18 -14.85 15.45
CA ASP B 197 22.09 -13.48 15.94
C ASP B 197 20.64 -13.07 16.12
N GLY B 198 19.84 -13.98 16.66
CA GLY B 198 18.40 -13.77 16.81
C GLY B 198 18.01 -12.52 17.59
N GLU B 199 18.84 -12.13 18.55
CA GLU B 199 18.54 -10.97 19.39
C GLU B 199 18.65 -9.69 18.58
N ALA B 200 19.63 -9.62 17.70
CA ALA B 200 19.80 -8.48 16.81
C ALA B 200 18.68 -8.44 15.78
N GLU B 201 18.22 -9.60 15.37
CA GLU B 201 17.13 -9.70 14.41
C GLU B 201 15.81 -9.24 15.02
N LEU B 202 15.54 -9.69 16.24
CA LEU B 202 14.32 -9.34 16.95
C LEU B 202 14.24 -7.83 17.19
N ALA B 203 15.40 -7.19 17.36
CA ALA B 203 15.48 -5.75 17.61
C ALA B 203 14.83 -4.93 16.49
N LEU B 204 15.03 -5.35 15.24
CA LEU B 204 14.52 -4.61 14.10
C LEU B 204 13.01 -4.44 14.12
N TYR B 205 12.32 -5.18 14.97
CA TYR B 205 10.87 -5.19 15.00
C TYR B 205 10.34 -4.28 16.08
N GLN B 206 11.25 -3.52 16.68
CA GLN B 206 10.88 -2.51 17.66
C GLN B 206 11.08 -1.13 17.08
N PRO B 207 10.07 -0.26 17.22
CA PRO B 207 10.01 1.13 16.73
C PRO B 207 11.31 1.94 16.89
#